data_1OKX
#
_entry.id   1OKX
#
_cell.length_a   155.890
_cell.length_b   155.890
_cell.length_c   91.030
_cell.angle_alpha   90.00
_cell.angle_beta   90.00
_cell.angle_gamma   120.00
#
_symmetry.space_group_name_H-M   'P 6 2 2'
#
loop_
_entity.id
_entity.type
_entity.pdbx_description
1 polymer 'ELASTASE 1'
2 polymer 'SCYPTOLIN A'
3 water water
#
loop_
_entity_poly.entity_id
_entity_poly.type
_entity_poly.pdbx_seq_one_letter_code
_entity_poly.pdbx_strand_id
1 'polypeptide(L)'
;VVGGTEAQRNSWPSQISLQYRSGSSWAHTCGGTLIRQNWVMTAAHCVDRELTFRVVVGEHNLNQNNGTEQYVGVQKIVVH
PYWNTDDVAAGYDIALLRLAQSVTLNSYVQLGVLPRAGTILANNSPCYITGWGLTRTNGQLAQTLQQAYLPTVDYAICSS
SSYWGSTVKNSMVCAGGDGVRSGCQGDSGGPLHCLVNGQYAVHGVTSFVSRLGCNVTRKPTVFTRVSAYISWINNVIASN
;
A,B
2 'polypeptide(L)' (1BO)ATTL(SUJ)(CNT)V C,D
#
# COMPACT_ATOMS: atom_id res chain seq x y z
N VAL A 1 -13.22 1.59 3.53
CA VAL A 1 -13.84 2.13 4.78
C VAL A 1 -13.94 1.04 5.84
N VAL A 2 -13.21 1.21 6.95
CA VAL A 2 -13.23 0.25 8.05
C VAL A 2 -14.26 0.67 9.10
N GLY A 3 -15.00 -0.30 9.61
CA GLY A 3 -15.99 -0.01 10.63
C GLY A 3 -17.21 0.73 10.10
N GLY A 4 -17.51 0.54 8.82
CA GLY A 4 -18.66 1.21 8.25
C GLY A 4 -19.82 0.29 7.97
N THR A 5 -20.68 0.71 7.05
CA THR A 5 -21.84 -0.06 6.65
C THR A 5 -22.12 0.21 5.18
N GLU A 6 -22.79 -0.71 4.52
CA GLU A 6 -23.09 -0.49 3.12
C GLU A 6 -24.02 0.72 3.03
N ALA A 7 -23.57 1.73 2.31
CA ALA A 7 -24.37 2.93 2.15
C ALA A 7 -25.65 2.60 1.42
N GLN A 8 -26.66 3.44 1.65
CA GLN A 8 -27.94 3.25 0.98
C GLN A 8 -27.71 3.58 -0.49
N ARG A 9 -27.99 2.64 -1.37
CA ARG A 9 -27.77 2.82 -2.81
C ARG A 9 -27.96 4.24 -3.34
N ASN A 10 -26.86 4.80 -3.86
CA ASN A 10 -26.82 6.14 -4.43
C ASN A 10 -27.12 7.31 -3.51
N SER A 11 -26.96 7.12 -2.20
CA SER A 11 -27.23 8.17 -1.23
C SER A 11 -26.10 9.20 -1.19
N TRP A 12 -25.05 8.96 -1.97
CA TRP A 12 -23.91 9.87 -2.07
C TRP A 12 -23.68 9.95 -3.57
N PRO A 13 -24.66 10.46 -4.31
CA PRO A 13 -24.63 10.61 -5.77
C PRO A 13 -23.45 11.35 -6.39
N SER A 14 -22.62 12.01 -5.58
CA SER A 14 -21.46 12.71 -6.14
C SER A 14 -20.22 11.83 -6.00
N GLN A 15 -20.36 10.71 -5.29
CA GLN A 15 -19.26 9.78 -5.09
C GLN A 15 -19.02 9.06 -6.39
N ILE A 16 -17.76 8.98 -6.81
CA ILE A 16 -17.45 8.29 -8.04
C ILE A 16 -16.30 7.30 -7.85
N SER A 17 -16.19 6.34 -8.76
CA SER A 17 -15.15 5.34 -8.68
C SER A 17 -14.09 5.57 -9.75
N LEU A 18 -12.88 5.90 -9.31
CA LEU A 18 -11.79 6.10 -10.24
C LEU A 18 -11.17 4.74 -10.55
N GLN A 19 -11.26 4.32 -11.80
CA GLN A 19 -10.74 3.02 -12.20
C GLN A 19 -9.74 3.14 -13.35
N TYR A 20 -8.71 2.31 -13.32
CA TYR A 20 -7.72 2.33 -14.38
C TYR A 20 -7.85 1.03 -15.18
N ARG A 21 -7.52 1.10 -16.46
CA ARG A 21 -7.62 -0.06 -17.31
C ARG A 21 -6.46 -1.02 -16.99
N SER A 22 -6.84 -2.24 -16.62
CA SER A 22 -5.87 -3.28 -16.31
C SER A 22 -6.24 -4.45 -17.19
N GLY A 23 -5.32 -4.85 -18.05
CA GLY A 23 -5.61 -5.95 -18.94
C GLY A 23 -6.81 -5.63 -19.79
N SER A 24 -7.72 -6.58 -19.93
CA SER A 24 -8.92 -6.39 -20.74
C SER A 24 -10.03 -5.62 -20.04
N SER A 25 -10.06 -5.67 -18.70
CA SER A 25 -11.10 -4.97 -17.95
C SER A 25 -10.58 -3.80 -17.12
N TRP A 26 -11.44 -3.30 -16.23
CA TRP A 26 -11.10 -2.17 -15.38
C TRP A 26 -11.00 -2.54 -13.91
N ALA A 27 -10.19 -1.79 -13.18
CA ALA A 27 -10.00 -2.04 -11.76
C ALA A 27 -10.13 -0.74 -10.97
N HIS A 28 -10.82 -0.83 -9.84
CA HIS A 28 -11.03 0.33 -8.97
C HIS A 28 -9.72 0.63 -8.26
N THR A 29 -9.39 1.91 -8.15
CA THR A 29 -8.14 2.27 -7.49
C THR A 29 -8.36 3.43 -6.52
N CYS A 30 -9.35 4.27 -6.81
CA CYS A 30 -9.64 5.43 -5.97
C CYS A 30 -11.09 5.87 -6.09
N GLY A 31 -11.44 6.79 -5.19
CA GLY A 31 -12.76 7.37 -5.18
C GLY A 31 -12.60 8.79 -5.67
N GLY A 32 -13.71 9.51 -5.81
CA GLY A 32 -13.63 10.88 -6.26
C GLY A 32 -14.96 11.58 -6.11
N THR A 33 -14.96 12.90 -6.31
CA THR A 33 -16.19 13.65 -6.18
C THR A 33 -16.50 14.38 -7.47
N LEU A 34 -17.65 14.05 -8.06
CA LEU A 34 -18.07 14.72 -9.29
C LEU A 34 -18.38 16.16 -8.89
N ILE A 35 -17.81 17.13 -9.58
CA ILE A 35 -18.09 18.51 -9.23
C ILE A 35 -18.63 19.31 -10.40
N ARG A 36 -18.64 18.70 -11.58
CA ARG A 36 -19.17 19.30 -12.81
C ARG A 36 -19.50 18.11 -13.69
N GLN A 37 -20.49 18.27 -14.57
CA GLN A 37 -20.88 17.19 -15.47
C GLN A 37 -19.66 16.57 -16.13
N ASN A 38 -18.55 17.33 -16.18
CA ASN A 38 -17.33 16.86 -16.83
C ASN A 38 -16.07 17.01 -16.00
N TRP A 39 -16.21 17.26 -14.70
CA TRP A 39 -15.04 17.40 -13.84
C TRP A 39 -15.14 16.58 -12.56
N VAL A 40 -14.08 15.86 -12.24
CA VAL A 40 -14.04 15.05 -11.02
C VAL A 40 -12.84 15.48 -10.14
N MET A 41 -13.10 15.60 -8.85
CA MET A 41 -12.06 15.97 -7.90
C MET A 41 -11.61 14.70 -7.21
N THR A 42 -10.29 14.53 -7.10
CA THR A 42 -9.73 13.35 -6.45
C THR A 42 -8.35 13.70 -5.88
N ALA A 43 -7.63 12.69 -5.39
CA ALA A 43 -6.30 12.88 -4.82
C ALA A 43 -5.22 12.80 -5.91
N ALA A 44 -4.17 13.59 -5.74
CA ALA A 44 -3.09 13.61 -6.71
C ALA A 44 -2.44 12.23 -6.88
N HIS A 45 -2.06 11.62 -5.78
CA HIS A 45 -1.40 10.32 -5.84
C HIS A 45 -2.23 9.24 -6.50
N CYS A 46 -3.50 9.52 -6.76
CA CYS A 46 -4.33 8.53 -7.43
C CYS A 46 -4.03 8.58 -8.92
N VAL A 47 -3.53 9.73 -9.37
CA VAL A 47 -3.26 9.89 -10.78
C VAL A 47 -1.89 10.28 -11.27
N ASP A 48 -0.85 10.22 -10.43
CA ASP A 48 0.51 10.52 -10.89
C ASP A 48 0.75 9.60 -12.08
N ARG A 49 0.64 8.31 -11.79
CA ARG A 49 0.83 7.23 -12.72
C ARG A 49 0.31 7.49 -14.14
N GLU A 50 1.00 6.92 -15.12
CA GLU A 50 0.60 7.03 -16.52
C GLU A 50 -0.32 5.85 -16.83
N LEU A 51 -1.57 5.96 -16.42
CA LEU A 51 -2.54 4.89 -16.64
C LEU A 51 -3.74 5.38 -17.41
N THR A 52 -4.50 4.46 -17.98
CA THR A 52 -5.69 4.82 -18.71
C THR A 52 -6.80 4.85 -17.68
N PHE A 53 -7.27 6.05 -17.35
CA PHE A 53 -8.32 6.21 -16.34
C PHE A 53 -9.73 6.37 -16.87
N ARG A 54 -10.65 5.77 -16.12
CA ARG A 54 -12.07 5.77 -16.39
C ARG A 54 -12.75 6.18 -15.10
N VAL A 55 -13.90 6.84 -15.21
CA VAL A 55 -14.64 7.28 -14.02
C VAL A 55 -16.06 6.74 -14.07
N VAL A 56 -16.57 6.27 -12.94
CA VAL A 56 -17.93 5.73 -12.92
C VAL A 56 -18.85 6.50 -11.99
N VAL A 57 -19.88 7.11 -12.55
CA VAL A 57 -20.81 7.84 -11.73
C VAL A 57 -22.04 6.96 -11.53
N GLY A 58 -22.77 7.23 -10.45
CA GLY A 58 -23.98 6.49 -10.16
C GLY A 58 -23.69 5.05 -9.79
N GLU A 59 -22.47 4.78 -9.36
CA GLU A 59 -22.09 3.41 -8.99
C GLU A 59 -22.43 3.05 -7.55
N HIS A 60 -22.49 1.74 -7.30
CA HIS A 60 -22.77 1.23 -5.97
C HIS A 60 -22.10 -0.12 -5.82
N ASN A 61 -22.49 -1.07 -6.66
CA ASN A 61 -21.88 -2.39 -6.65
C ASN A 61 -20.91 -2.42 -7.82
N LEU A 62 -19.63 -2.60 -7.51
CA LEU A 62 -18.59 -2.63 -8.52
C LEU A 62 -18.60 -3.87 -9.38
N ASN A 63 -19.36 -4.89 -8.97
CA ASN A 63 -19.40 -6.13 -9.73
C ASN A 63 -20.71 -6.43 -10.44
N GLN A 64 -21.57 -5.42 -10.57
CA GLN A 64 -22.85 -5.60 -11.25
C GLN A 64 -23.41 -4.27 -11.75
N ASN A 65 -23.86 -4.26 -13.01
CA ASN A 65 -24.45 -3.06 -13.60
C ASN A 65 -25.92 -3.00 -13.25
N ASN A 66 -26.24 -2.24 -12.21
CA ASN A 66 -27.61 -2.10 -11.76
C ASN A 66 -28.43 -1.15 -12.63
N GLY A 67 -27.77 -0.52 -13.60
CA GLY A 67 -28.47 0.37 -14.51
C GLY A 67 -28.47 1.86 -14.16
N THR A 68 -27.82 2.21 -13.06
CA THR A 68 -27.76 3.60 -12.64
C THR A 68 -26.39 4.17 -12.91
N GLU A 69 -25.48 3.31 -13.34
CA GLU A 69 -24.13 3.74 -13.59
C GLU A 69 -23.90 4.37 -14.96
N GLN A 70 -22.87 5.21 -15.03
CA GLN A 70 -22.43 5.85 -16.26
C GLN A 70 -20.91 5.73 -16.30
N TYR A 71 -20.38 5.25 -17.41
CA TYR A 71 -18.94 5.04 -17.53
C TYR A 71 -18.31 5.99 -18.54
N VAL A 72 -17.49 6.90 -18.03
CA VAL A 72 -16.82 7.87 -18.88
C VAL A 72 -15.32 7.85 -18.60
N GLY A 73 -14.54 8.16 -19.63
CA GLY A 73 -13.10 8.18 -19.46
C GLY A 73 -12.59 9.54 -19.01
N VAL A 74 -11.34 9.55 -18.55
CA VAL A 74 -10.69 10.77 -18.11
C VAL A 74 -9.90 11.34 -19.28
N GLN A 75 -10.31 12.50 -19.75
CA GLN A 75 -9.66 13.15 -20.88
C GLN A 75 -8.37 13.87 -20.53
N LYS A 76 -8.34 14.55 -19.37
CA LYS A 76 -7.16 15.31 -18.97
C LYS A 76 -6.97 15.29 -17.47
N ILE A 77 -5.73 15.11 -17.03
CA ILE A 77 -5.44 15.08 -15.60
C ILE A 77 -4.71 16.34 -15.16
N VAL A 78 -5.21 16.96 -14.11
CA VAL A 78 -4.59 18.17 -13.62
C VAL A 78 -4.24 18.02 -12.15
N VAL A 79 -2.98 17.71 -11.90
CA VAL A 79 -2.49 17.53 -10.54
C VAL A 79 -2.11 18.90 -10.02
N HIS A 80 -2.36 19.14 -8.74
CA HIS A 80 -2.00 20.43 -8.17
C HIS A 80 -0.49 20.62 -8.30
N PRO A 81 -0.09 21.77 -8.84
CA PRO A 81 1.32 22.15 -9.06
C PRO A 81 2.30 21.92 -7.92
N TYR A 82 1.87 22.12 -6.68
CA TYR A 82 2.75 21.94 -5.53
C TYR A 82 2.81 20.52 -4.99
N TRP A 83 2.06 19.61 -5.61
CA TRP A 83 2.05 18.22 -5.16
C TRP A 83 3.39 17.57 -5.34
N ASN A 84 3.82 16.86 -4.30
CA ASN A 84 5.09 16.15 -4.30
C ASN A 84 4.77 14.67 -4.20
N THR A 85 4.91 13.95 -5.31
CA THR A 85 4.60 12.53 -5.36
C THR A 85 5.36 11.67 -4.34
N ASP A 86 6.41 12.24 -3.75
CA ASP A 86 7.18 11.51 -2.75
C ASP A 86 6.95 11.97 -1.32
N ASP A 87 6.11 12.97 -1.14
CA ASP A 87 5.82 13.44 0.20
C ASP A 87 4.36 13.78 0.37
N VAL A 88 3.54 12.76 0.59
CA VAL A 88 2.12 12.96 0.76
C VAL A 88 1.88 13.91 1.93
N ALA A 89 2.66 13.76 2.99
CA ALA A 89 2.53 14.59 4.18
C ALA A 89 2.82 16.05 3.87
N ALA A 90 3.34 16.32 2.69
CA ALA A 90 3.64 17.70 2.34
C ALA A 90 2.36 18.45 2.00
N GLY A 91 1.32 17.71 1.60
CA GLY A 91 0.04 18.31 1.26
C GLY A 91 -0.17 18.49 -0.23
N TYR A 92 -1.11 19.34 -0.61
CA TYR A 92 -1.41 19.62 -2.00
C TYR A 92 -1.82 18.33 -2.71
N ASP A 93 -2.32 17.37 -1.95
CA ASP A 93 -2.74 16.11 -2.54
C ASP A 93 -4.17 16.23 -3.09
N ILE A 94 -4.27 16.82 -4.27
CA ILE A 94 -5.56 17.00 -4.92
C ILE A 94 -5.35 17.10 -6.43
N ALA A 95 -6.31 16.63 -7.20
CA ALA A 95 -6.20 16.71 -8.65
C ALA A 95 -7.58 16.74 -9.26
N LEU A 96 -7.70 17.42 -10.39
CA LEU A 96 -8.97 17.54 -11.09
C LEU A 96 -8.87 16.69 -12.34
N LEU A 97 -10.00 16.12 -12.75
CA LEU A 97 -10.00 15.28 -13.93
C LEU A 97 -11.14 15.67 -14.87
N ARG A 98 -10.80 16.25 -16.02
CA ARG A 98 -11.82 16.64 -16.99
C ARG A 98 -12.21 15.33 -17.69
N LEU A 99 -13.51 15.10 -17.85
CA LEU A 99 -14.01 13.88 -18.45
C LEU A 99 -14.08 13.91 -19.97
N ALA A 100 -14.10 12.73 -20.58
CA ALA A 100 -14.17 12.63 -22.04
C ALA A 100 -15.48 13.23 -22.52
N GLN A 101 -16.58 12.78 -21.95
CA GLN A 101 -17.91 13.28 -22.27
C GLN A 101 -18.48 13.73 -20.93
N SER A 102 -19.53 14.54 -20.96
CA SER A 102 -20.13 15.01 -19.72
C SER A 102 -21.17 14.01 -19.29
N VAL A 103 -21.21 13.71 -18.00
CA VAL A 103 -22.18 12.76 -17.48
C VAL A 103 -23.57 13.40 -17.45
N THR A 104 -24.59 12.57 -17.61
CA THR A 104 -25.95 13.07 -17.55
C THR A 104 -26.33 13.14 -16.09
N LEU A 105 -26.69 14.32 -15.61
CA LEU A 105 -27.07 14.46 -14.22
C LEU A 105 -28.48 13.98 -13.97
N ASN A 106 -28.67 13.26 -12.88
CA ASN A 106 -29.99 12.77 -12.50
C ASN A 106 -30.00 12.53 -11.00
N SER A 107 -30.88 11.65 -10.52
CA SER A 107 -30.95 11.39 -9.09
C SER A 107 -29.79 10.53 -8.60
N TYR A 108 -29.14 9.83 -9.52
CA TYR A 108 -28.02 8.96 -9.17
C TYR A 108 -26.69 9.64 -9.34
N VAL A 109 -26.66 10.65 -10.20
CA VAL A 109 -25.44 11.38 -10.50
C VAL A 109 -25.64 12.85 -10.23
N GLN A 110 -25.08 13.31 -9.12
CA GLN A 110 -25.18 14.71 -8.73
C GLN A 110 -23.82 15.28 -8.42
N LEU A 111 -23.69 16.59 -8.53
CA LEU A 111 -22.45 17.26 -8.24
C LEU A 111 -22.33 17.40 -6.73
N GLY A 112 -21.11 17.36 -6.21
CA GLY A 112 -20.91 17.51 -4.78
C GLY A 112 -20.79 18.98 -4.45
N VAL A 113 -21.34 19.38 -3.31
CA VAL A 113 -21.28 20.76 -2.88
C VAL A 113 -19.97 20.97 -2.15
N LEU A 114 -19.21 22.00 -2.54
CA LEU A 114 -17.94 22.27 -1.88
C LEU A 114 -18.11 23.37 -0.87
N PRO A 115 -17.31 23.35 0.19
CA PRO A 115 -17.43 24.39 1.22
C PRO A 115 -17.01 25.76 0.70
N ARG A 116 -17.30 26.80 1.48
CA ARG A 116 -16.91 28.15 1.10
C ARG A 116 -15.42 28.23 1.35
N ALA A 117 -14.71 28.90 0.45
CA ALA A 117 -13.27 29.05 0.58
C ALA A 117 -12.82 29.42 1.98
N GLY A 118 -11.93 28.60 2.54
CA GLY A 118 -11.38 28.86 3.86
C GLY A 118 -12.19 28.38 5.05
N THR A 119 -13.33 27.74 4.79
CA THR A 119 -14.16 27.24 5.87
C THR A 119 -13.40 26.24 6.72
N ILE A 120 -13.46 26.39 8.03
CA ILE A 120 -12.79 25.47 8.92
C ILE A 120 -13.82 24.89 9.87
N LEU A 121 -13.97 23.57 9.87
CA LEU A 121 -14.97 22.91 10.72
C LEU A 121 -14.59 22.87 12.19
N ALA A 122 -15.57 23.09 13.04
CA ALA A 122 -15.32 23.06 14.46
C ALA A 122 -14.98 21.61 14.83
N ASN A 123 -14.13 21.44 15.84
CA ASN A 123 -13.74 20.11 16.26
C ASN A 123 -14.96 19.22 16.46
N ASN A 124 -14.80 17.97 16.06
CA ASN A 124 -15.85 16.98 16.17
C ASN A 124 -17.10 17.31 15.38
N SER A 125 -16.92 17.70 14.12
CA SER A 125 -18.05 18.00 13.27
C SER A 125 -18.48 16.67 12.66
N PRO A 126 -19.80 16.47 12.51
CA PRO A 126 -20.29 15.21 11.93
C PRO A 126 -19.98 15.07 10.45
N CYS A 127 -19.30 14.00 10.09
CA CYS A 127 -18.95 13.73 8.69
C CYS A 127 -18.98 12.23 8.45
N TYR A 128 -19.06 11.87 7.17
CA TYR A 128 -19.06 10.47 6.78
C TYR A 128 -18.08 10.31 5.65
N ILE A 129 -17.29 9.25 5.73
CA ILE A 129 -16.34 8.97 4.67
C ILE A 129 -17.03 7.86 3.88
N THR A 130 -16.92 7.91 2.56
CA THR A 130 -17.53 6.91 1.70
C THR A 130 -16.51 6.34 0.72
N GLY A 131 -16.59 5.06 0.41
CA GLY A 131 -15.64 4.47 -0.51
C GLY A 131 -15.71 2.96 -0.65
N TRP A 132 -14.95 2.44 -1.60
CA TRP A 132 -14.91 1.00 -1.88
C TRP A 132 -13.60 0.40 -1.38
N GLY A 133 -12.88 1.14 -0.55
CA GLY A 133 -11.63 0.64 -0.01
C GLY A 133 -11.84 -0.56 0.90
N LEU A 134 -10.74 -1.04 1.48
CA LEU A 134 -10.77 -2.19 2.39
C LEU A 134 -11.75 -1.93 3.54
N THR A 135 -12.44 -2.98 3.98
CA THR A 135 -13.38 -2.84 5.07
C THR A 135 -12.80 -3.35 6.39
N ARG A 136 -11.76 -4.18 6.29
CA ARG A 136 -11.08 -4.67 7.47
C ARG A 136 -9.63 -4.36 7.22
N THR A 137 -9.02 -3.56 8.08
CA THR A 137 -7.62 -3.20 7.90
C THR A 137 -6.84 -4.48 7.59
N ASN A 138 -6.20 -4.49 6.41
CA ASN A 138 -5.42 -5.63 5.93
C ASN A 138 -6.38 -6.75 5.44
N GLY A 139 -7.49 -6.35 4.83
CA GLY A 139 -8.46 -7.31 4.33
C GLY A 139 -8.71 -7.19 2.83
N GLN A 140 -9.98 -7.15 2.44
CA GLN A 140 -10.36 -7.07 1.03
C GLN A 140 -11.11 -5.79 0.65
N LEU A 141 -11.08 -5.48 -0.64
CA LEU A 141 -11.77 -4.30 -1.17
C LEU A 141 -13.28 -4.53 -1.13
N ALA A 142 -14.02 -3.45 -0.93
CA ALA A 142 -15.48 -3.53 -0.86
C ALA A 142 -16.15 -3.64 -2.23
N GLN A 143 -17.15 -4.51 -2.31
CA GLN A 143 -17.90 -4.67 -3.56
C GLN A 143 -18.93 -3.55 -3.65
N THR A 144 -19.57 -3.27 -2.53
CA THR A 144 -20.60 -2.23 -2.45
C THR A 144 -20.06 -1.01 -1.72
N LEU A 145 -20.53 0.17 -2.12
CA LEU A 145 -20.07 1.42 -1.51
C LEU A 145 -20.29 1.42 0.00
N GLN A 146 -19.23 1.73 0.75
CA GLN A 146 -19.28 1.77 2.21
C GLN A 146 -19.30 3.19 2.75
N GLN A 147 -19.76 3.33 3.99
CA GLN A 147 -19.78 4.64 4.65
C GLN A 147 -19.55 4.46 6.14
N ALA A 148 -19.00 5.49 6.77
CA ALA A 148 -18.75 5.43 8.21
C ALA A 148 -18.70 6.82 8.82
N TYR A 149 -19.27 6.94 10.01
CA TYR A 149 -19.29 8.19 10.75
C TYR A 149 -17.84 8.51 11.09
N LEU A 150 -17.38 9.67 10.64
CA LEU A 150 -15.99 10.06 10.87
C LEU A 150 -15.91 11.53 11.26
N PRO A 151 -16.29 11.87 12.50
CA PRO A 151 -16.24 13.26 12.95
C PRO A 151 -14.85 13.86 12.85
N THR A 152 -14.78 15.17 12.69
CA THR A 152 -13.51 15.86 12.53
C THR A 152 -12.69 16.01 13.82
N VAL A 153 -11.38 16.08 13.65
CA VAL A 153 -10.45 16.27 14.76
C VAL A 153 -9.71 17.53 14.36
N ASP A 154 -10.06 18.65 14.99
CA ASP A 154 -9.45 19.93 14.66
C ASP A 154 -7.91 19.93 14.65
N TYR A 155 -7.34 20.93 14.01
CA TYR A 155 -5.89 21.04 13.88
C TYR A 155 -5.19 20.97 15.24
N ALA A 156 -5.67 21.79 16.18
CA ALA A 156 -5.08 21.84 17.51
C ALA A 156 -4.78 20.43 18.01
N ILE A 157 -5.78 19.57 17.95
CA ILE A 157 -5.63 18.21 18.41
C ILE A 157 -4.83 17.35 17.41
N CYS A 158 -5.28 17.32 16.17
CA CYS A 158 -4.61 16.50 15.17
C CYS A 158 -3.10 16.72 15.07
N SER A 159 -2.66 17.96 15.22
CA SER A 159 -1.22 18.26 15.13
C SER A 159 -0.50 18.04 16.43
N SER A 160 -1.21 17.59 17.47
CA SER A 160 -0.58 17.35 18.76
C SER A 160 0.32 16.12 18.67
N SER A 161 1.34 16.07 19.53
CA SER A 161 2.28 14.96 19.52
C SER A 161 1.65 13.58 19.57
N SER A 162 0.60 13.43 20.37
CA SER A 162 -0.08 12.16 20.51
C SER A 162 -0.83 11.73 19.25
N TYR A 163 -1.10 12.67 18.36
CA TYR A 163 -1.81 12.35 17.13
C TYR A 163 -0.92 12.28 15.92
N TRP A 164 -0.99 13.29 15.06
CA TRP A 164 -0.16 13.30 13.85
C TRP A 164 1.04 14.25 13.96
N GLY A 165 1.06 15.07 15.00
CA GLY A 165 2.15 16.00 15.15
C GLY A 165 2.37 16.83 13.89
N SER A 166 3.63 16.99 13.50
CA SER A 166 3.98 17.79 12.33
C SER A 166 3.61 17.17 11.00
N THR A 167 3.17 15.92 11.01
CA THR A 167 2.81 15.28 9.76
C THR A 167 1.65 16.03 9.11
N VAL A 168 0.66 16.44 9.89
CA VAL A 168 -0.49 17.15 9.34
C VAL A 168 -0.26 18.66 9.20
N LYS A 169 -0.72 19.21 8.08
CA LYS A 169 -0.58 20.63 7.79
C LYS A 169 -1.94 21.29 7.93
N ASN A 170 -1.96 22.62 7.99
CA ASN A 170 -3.21 23.33 8.15
C ASN A 170 -4.15 23.11 6.96
N SER A 171 -3.57 22.77 5.80
CA SER A 171 -4.35 22.54 4.60
C SER A 171 -5.01 21.16 4.57
N MET A 172 -5.04 20.48 5.72
CA MET A 172 -5.63 19.16 5.76
C MET A 172 -6.76 19.07 6.76
N VAL A 173 -7.48 17.96 6.71
CA VAL A 173 -8.57 17.70 7.62
C VAL A 173 -8.38 16.31 8.18
N CYS A 174 -8.66 16.18 9.47
CA CYS A 174 -8.55 14.91 10.17
C CYS A 174 -9.96 14.50 10.62
N ALA A 175 -10.25 13.22 10.49
CA ALA A 175 -11.56 12.74 10.92
C ALA A 175 -11.36 11.37 11.53
N GLY A 176 -12.19 11.02 12.51
CA GLY A 176 -12.11 9.72 13.14
C GLY A 176 -10.95 9.56 14.09
N GLY A 177 -10.22 8.46 13.94
CA GLY A 177 -9.10 8.21 14.81
C GLY A 177 -9.52 7.55 16.12
N ASP A 178 -10.72 7.00 16.15
CA ASP A 178 -11.21 6.34 17.35
C ASP A 178 -10.84 4.85 17.37
N GLY A 179 -9.99 4.42 16.45
CA GLY A 179 -9.58 3.02 16.43
C GLY A 179 -10.56 2.06 15.75
N VAL A 180 -11.84 2.42 15.69
CA VAL A 180 -12.84 1.54 15.06
C VAL A 180 -13.12 1.88 13.60
N ARG A 181 -13.31 3.18 13.31
CA ARG A 181 -13.63 3.63 11.97
C ARG A 181 -12.60 4.53 11.31
N SER A 182 -12.43 4.34 10.00
CA SER A 182 -11.49 5.14 9.22
C SER A 182 -11.55 4.72 7.75
N GLY A 183 -10.84 5.46 6.91
CA GLY A 183 -10.79 5.10 5.51
C GLY A 183 -9.73 4.03 5.41
N CYS A 184 -9.53 3.46 4.23
CA CYS A 184 -8.52 2.43 4.08
C CYS A 184 -8.14 2.36 2.61
N GLN A 185 -7.09 1.59 2.29
CA GLN A 185 -6.64 1.47 0.90
C GLN A 185 -7.81 1.30 -0.05
N GLY A 186 -7.92 2.22 -1.00
CA GLY A 186 -9.00 2.18 -1.96
C GLY A 186 -9.96 3.35 -1.79
N ASP A 187 -9.85 4.06 -0.66
CA ASP A 187 -10.73 5.19 -0.41
C ASP A 187 -10.12 6.53 -0.85
N SER A 188 -8.84 6.52 -1.18
CA SER A 188 -8.17 7.76 -1.60
C SER A 188 -8.90 8.50 -2.70
N GLY A 189 -8.81 9.83 -2.64
CA GLY A 189 -9.46 10.68 -3.62
C GLY A 189 -10.93 10.85 -3.35
N GLY A 190 -11.48 9.96 -2.53
CA GLY A 190 -12.88 10.02 -2.19
C GLY A 190 -13.22 11.23 -1.36
N PRO A 191 -14.50 11.43 -1.06
CA PRO A 191 -14.94 12.58 -0.27
C PRO A 191 -15.10 12.32 1.21
N LEU A 192 -15.20 13.41 1.95
CA LEU A 192 -15.46 13.38 3.38
C LEU A 192 -16.66 14.33 3.43
N HIS A 193 -17.83 13.76 3.62
CA HIS A 193 -19.06 14.54 3.67
C HIS A 193 -19.32 15.06 5.07
N CYS A 194 -19.41 16.38 5.23
CA CYS A 194 -19.68 16.94 6.54
C CYS A 194 -20.98 17.72 6.54
N LEU A 195 -21.73 17.56 7.62
CA LEU A 195 -23.01 18.23 7.78
C LEU A 195 -22.81 19.51 8.56
N VAL A 196 -23.15 20.63 7.95
CA VAL A 196 -23.02 21.92 8.59
C VAL A 196 -24.29 22.72 8.38
N ASN A 197 -25.09 22.82 9.43
CA ASN A 197 -26.36 23.54 9.36
C ASN A 197 -27.31 22.93 8.34
N GLY A 198 -27.45 21.61 8.38
CA GLY A 198 -28.34 20.93 7.47
C GLY A 198 -27.78 20.67 6.09
N GLN A 199 -26.72 21.37 5.73
CA GLN A 199 -26.12 21.17 4.42
C GLN A 199 -24.88 20.30 4.46
N TYR A 200 -24.82 19.34 3.56
CA TYR A 200 -23.67 18.45 3.45
C TYR A 200 -22.73 19.05 2.41
N ALA A 201 -21.44 18.85 2.58
CA ALA A 201 -20.48 19.38 1.63
C ALA A 201 -19.21 18.58 1.74
N VAL A 202 -18.57 18.37 0.60
CA VAL A 202 -17.33 17.63 0.58
C VAL A 202 -16.21 18.51 1.13
N HIS A 203 -15.85 18.29 2.39
CA HIS A 203 -14.81 19.08 3.02
C HIS A 203 -13.40 18.52 2.83
N GLY A 204 -13.30 17.22 2.60
CA GLY A 204 -11.99 16.64 2.42
C GLY A 204 -11.85 15.61 1.31
N VAL A 205 -10.62 15.41 0.87
CA VAL A 205 -10.32 14.41 -0.14
C VAL A 205 -9.42 13.43 0.58
N THR A 206 -9.84 12.18 0.65
CA THR A 206 -9.07 11.17 1.36
C THR A 206 -7.62 11.06 0.90
N SER A 207 -6.70 11.33 1.82
CA SER A 207 -5.28 11.29 1.48
C SER A 207 -4.46 10.14 2.07
N PHE A 208 -4.38 10.05 3.40
CA PHE A 208 -3.56 9.00 3.98
C PHE A 208 -3.92 8.57 5.39
N VAL A 209 -3.21 7.54 5.85
CA VAL A 209 -3.37 6.97 7.19
C VAL A 209 -1.96 6.61 7.66
N SER A 210 -1.84 6.08 8.88
CA SER A 210 -0.53 5.72 9.41
C SER A 210 -0.02 4.39 8.88
N ARG A 211 1.30 4.23 8.84
CA ARG A 211 1.92 3.01 8.36
C ARG A 211 1.44 1.84 9.23
N LEU A 212 1.01 2.16 10.45
CA LEU A 212 0.53 1.17 11.40
C LEU A 212 -0.82 0.56 11.06
N GLY A 213 -1.55 1.16 10.13
CA GLY A 213 -2.85 0.63 9.77
C GLY A 213 -3.92 1.68 9.57
N CYS A 214 -5.08 1.24 9.11
CA CYS A 214 -6.17 2.15 8.85
C CYS A 214 -6.77 2.68 10.15
N ASN A 215 -7.58 1.86 10.80
CA ASN A 215 -8.19 2.29 12.05
C ASN A 215 -7.20 2.19 13.21
N VAL A 216 -6.42 3.24 13.37
CA VAL A 216 -5.43 3.29 14.44
C VAL A 216 -5.77 4.45 15.36
N THR A 217 -5.96 4.16 16.63
CA THR A 217 -6.29 5.18 17.60
C THR A 217 -5.32 6.37 17.57
N ARG A 218 -5.91 7.57 17.57
CA ARG A 218 -5.16 8.82 17.54
C ARG A 218 -4.30 8.99 16.30
N LYS A 219 -4.79 8.42 15.20
CA LYS A 219 -4.15 8.53 13.89
C LYS A 219 -5.32 8.56 12.93
N PRO A 220 -6.20 9.55 13.09
CA PRO A 220 -7.37 9.71 12.23
C PRO A 220 -7.04 9.77 10.75
N THR A 221 -8.00 9.37 9.92
CA THR A 221 -7.79 9.42 8.48
C THR A 221 -7.56 10.89 8.16
N VAL A 222 -6.64 11.15 7.23
CA VAL A 222 -6.36 12.53 6.87
C VAL A 222 -6.77 12.83 5.43
N PHE A 223 -7.47 13.96 5.28
CA PHE A 223 -7.96 14.39 3.98
C PHE A 223 -7.38 15.76 3.60
N THR A 224 -7.35 16.03 2.31
CA THR A 224 -6.90 17.33 1.86
C THR A 224 -8.06 18.25 2.21
N ARG A 225 -7.78 19.46 2.68
CA ARG A 225 -8.86 20.38 3.02
C ARG A 225 -9.39 21.06 1.76
N VAL A 226 -10.58 20.66 1.32
CA VAL A 226 -11.18 21.22 0.12
C VAL A 226 -11.29 22.74 0.19
N SER A 227 -11.80 23.26 1.29
CA SER A 227 -11.96 24.70 1.46
C SER A 227 -10.69 25.48 1.26
N ALA A 228 -9.56 24.77 1.23
CA ALA A 228 -8.28 25.43 1.05
C ALA A 228 -7.84 25.50 -0.41
N TYR A 229 -8.60 24.88 -1.31
CA TYR A 229 -8.24 24.88 -2.72
C TYR A 229 -9.30 25.40 -3.67
N ILE A 230 -10.34 26.02 -3.12
CA ILE A 230 -11.43 26.53 -3.95
C ILE A 230 -10.94 27.42 -5.08
N SER A 231 -10.05 28.37 -4.78
CA SER A 231 -9.53 29.26 -5.82
C SER A 231 -8.86 28.44 -6.91
N TRP A 232 -7.97 27.54 -6.52
CA TRP A 232 -7.28 26.71 -7.51
C TRP A 232 -8.29 25.93 -8.35
N ILE A 233 -9.23 25.27 -7.69
CA ILE A 233 -10.24 24.49 -8.39
C ILE A 233 -10.96 25.33 -9.43
N ASN A 234 -11.48 26.49 -9.04
CA ASN A 234 -12.19 27.32 -10.00
C ASN A 234 -11.32 27.74 -11.16
N ASN A 235 -10.06 28.07 -10.88
CA ASN A 235 -9.16 28.49 -11.94
C ASN A 235 -8.93 27.37 -12.95
N VAL A 236 -8.75 26.15 -12.45
CA VAL A 236 -8.52 25.00 -13.32
C VAL A 236 -9.69 24.70 -14.22
N ILE A 237 -10.90 24.86 -13.70
CA ILE A 237 -12.10 24.60 -14.48
C ILE A 237 -12.33 25.70 -15.51
N ALA A 238 -12.10 26.94 -15.11
CA ALA A 238 -12.30 28.08 -15.98
C ALA A 238 -11.35 28.08 -17.17
N SER A 239 -10.08 27.81 -16.93
CA SER A 239 -9.10 27.81 -18.01
C SER A 239 -8.87 26.47 -18.69
N ASN A 240 -9.86 25.59 -18.61
CA ASN A 240 -9.76 24.28 -19.24
C ASN A 240 -11.14 23.80 -19.70
N VAL B 1 2.75 -12.71 -4.22
CA VAL B 1 3.41 -13.27 -5.44
C VAL B 1 2.41 -13.40 -6.59
N VAL B 2 2.64 -12.64 -7.65
CA VAL B 2 1.76 -12.68 -8.82
C VAL B 2 2.30 -13.65 -9.86
N GLY B 3 1.39 -14.40 -10.47
CA GLY B 3 1.79 -15.34 -11.50
C GLY B 3 2.53 -16.55 -10.97
N GLY B 4 2.27 -16.89 -9.71
CA GLY B 4 2.95 -18.03 -9.13
C GLY B 4 2.05 -19.24 -8.93
N THR B 5 2.42 -20.09 -7.98
CA THR B 5 1.69 -21.31 -7.67
C THR B 5 1.88 -21.61 -6.20
N GLU B 6 0.92 -22.33 -5.62
CA GLU B 6 1.07 -22.67 -4.22
C GLU B 6 2.30 -23.56 -4.06
N ALA B 7 3.24 -23.09 -3.26
CA ALA B 7 4.47 -23.84 -3.03
C ALA B 7 4.14 -25.15 -2.36
N GLN B 8 5.01 -26.14 -2.57
CA GLN B 8 4.85 -27.44 -1.95
C GLN B 8 5.08 -27.21 -0.45
N ARG B 9 4.08 -27.54 0.36
CA ARG B 9 4.16 -27.36 1.81
C ARG B 9 5.54 -27.51 2.43
N ASN B 10 6.03 -26.43 3.02
CA ASN B 10 7.33 -26.35 3.69
C ASN B 10 8.57 -26.57 2.83
N SER B 11 8.45 -26.40 1.51
CA SER B 11 9.58 -26.58 0.62
C SER B 11 10.57 -25.41 0.68
N TRP B 12 10.22 -24.40 1.46
CA TRP B 12 11.08 -23.23 1.66
C TRP B 12 11.04 -23.04 3.18
N PRO B 13 11.57 -24.01 3.92
CA PRO B 13 11.61 -24.02 5.39
C PRO B 13 12.25 -22.83 6.09
N SER B 14 12.92 -21.94 5.33
CA SER B 14 13.52 -20.78 5.97
C SER B 14 12.61 -19.57 5.80
N GLN B 15 11.56 -19.74 5.02
CA GLN B 15 10.60 -18.67 4.79
C GLN B 15 9.78 -18.51 6.05
N ILE B 16 9.61 -17.26 6.50
CA ILE B 16 8.82 -17.01 7.70
C ILE B 16 7.82 -15.89 7.46
N SER B 17 6.78 -15.84 8.30
CA SER B 17 5.74 -14.85 8.16
C SER B 17 5.83 -13.82 9.27
N LEU B 18 6.15 -12.58 8.90
CA LEU B 18 6.24 -11.51 9.87
C LEU B 18 4.82 -10.97 10.09
N GLN B 19 4.32 -11.11 11.31
CA GLN B 19 2.98 -10.66 11.63
C GLN B 19 2.98 -9.70 12.80
N TYR B 20 2.10 -8.70 12.75
CA TYR B 20 2.01 -7.74 13.84
C TYR B 20 0.67 -7.95 14.53
N ARG B 21 0.63 -7.63 15.82
CA ARG B 21 -0.57 -7.80 16.58
C ARG B 21 -1.56 -6.69 16.24
N SER B 22 -2.73 -7.11 15.77
CA SER B 22 -3.78 -6.19 15.41
C SER B 22 -5.00 -6.63 16.19
N GLY B 23 -5.49 -5.75 17.06
CA GLY B 23 -6.64 -6.10 17.85
C GLY B 23 -6.32 -7.31 18.70
N SER B 24 -7.25 -8.26 18.74
CA SER B 24 -7.07 -9.47 19.53
C SER B 24 -6.19 -10.53 18.84
N SER B 25 -6.16 -10.51 17.51
CA SER B 25 -5.36 -11.51 16.78
C SER B 25 -4.17 -10.92 16.05
N TRP B 26 -3.56 -11.73 15.19
CA TRP B 26 -2.38 -11.32 14.42
C TRP B 26 -2.66 -11.20 12.93
N ALA B 27 -1.90 -10.32 12.28
CA ALA B 27 -2.04 -10.11 10.85
C ALA B 27 -0.69 -10.17 10.17
N HIS B 28 -0.65 -10.83 9.01
CA HIS B 28 0.55 -10.97 8.22
C HIS B 28 0.84 -9.63 7.57
N THR B 29 2.10 -9.23 7.54
CA THR B 29 2.46 -7.95 6.94
C THR B 29 3.69 -8.09 6.06
N CYS B 30 4.55 -9.06 6.39
CA CYS B 30 5.76 -9.28 5.63
C CYS B 30 6.28 -10.69 5.74
N GLY B 31 7.26 -10.99 4.90
CA GLY B 31 7.90 -12.28 4.89
C GLY B 31 9.28 -12.08 5.47
N GLY B 32 10.04 -13.16 5.62
CA GLY B 32 11.37 -13.05 6.17
C GLY B 32 12.13 -14.35 6.04
N THR B 33 13.43 -14.29 6.31
CA THR B 33 14.26 -15.47 6.21
C THR B 33 14.90 -15.80 7.54
N LEU B 34 14.58 -16.97 8.08
CA LEU B 34 15.17 -17.41 9.34
C LEU B 34 16.65 -17.65 9.04
N ILE B 35 17.54 -17.06 9.82
CA ILE B 35 18.96 -17.28 9.57
C ILE B 35 19.71 -17.80 10.79
N ARG B 36 19.01 -17.89 11.92
CA ARG B 36 19.54 -18.41 13.18
C ARG B 36 18.32 -18.83 13.96
N GLN B 37 18.47 -19.81 14.84
CA GLN B 37 17.35 -20.27 15.64
C GLN B 37 16.63 -19.11 16.30
N ASN B 38 17.31 -17.98 16.43
CA ASN B 38 16.75 -16.81 17.06
C ASN B 38 16.88 -15.49 16.27
N TRP B 39 17.25 -15.59 15.00
CA TRP B 39 17.39 -14.40 14.17
C TRP B 39 16.67 -14.50 12.83
N VAL B 40 15.93 -13.45 12.48
CA VAL B 40 15.20 -13.41 11.21
C VAL B 40 15.63 -12.19 10.41
N MET B 41 15.86 -12.39 9.11
CA MET B 41 16.25 -11.31 8.21
C MET B 41 15.00 -10.90 7.43
N THR B 42 14.79 -9.58 7.34
CA THR B 42 13.62 -9.04 6.64
C THR B 42 13.96 -7.62 6.15
N ALA B 43 12.95 -6.94 5.61
CA ALA B 43 13.12 -5.58 5.09
C ALA B 43 12.93 -4.55 6.19
N ALA B 44 13.69 -3.46 6.13
CA ALA B 44 13.58 -2.41 7.13
C ALA B 44 12.18 -1.84 7.20
N HIS B 45 11.63 -1.44 6.06
CA HIS B 45 10.30 -0.84 6.04
C HIS B 45 9.21 -1.74 6.59
N CYS B 46 9.53 -3.00 6.84
CA CYS B 46 8.53 -3.88 7.43
C CYS B 46 8.47 -3.62 8.92
N VAL B 47 9.55 -3.09 9.47
CA VAL B 47 9.61 -2.87 10.90
C VAL B 47 9.91 -1.47 11.46
N ASP B 48 9.86 -0.42 10.64
CA ASP B 48 10.07 0.94 11.16
C ASP B 48 9.06 1.10 12.28
N ARG B 49 7.81 0.95 11.88
CA ARG B 49 6.64 1.07 12.75
C ARG B 49 6.83 0.52 14.16
N GLU B 50 6.15 1.15 15.12
CA GLU B 50 6.17 0.73 16.52
C GLU B 50 5.02 -0.25 16.72
N LEU B 51 5.21 -1.48 16.27
CA LEU B 51 4.18 -2.51 16.39
C LEU B 51 4.68 -3.70 17.19
N THR B 52 3.75 -4.52 17.65
CA THR B 52 4.12 -5.73 18.39
C THR B 52 4.27 -6.80 17.33
N PHE B 53 5.51 -7.21 17.09
CA PHE B 53 5.78 -8.22 16.07
C PHE B 53 5.97 -9.65 16.53
N ARG B 54 5.44 -10.55 15.72
CA ARG B 54 5.49 -11.98 15.95
C ARG B 54 6.01 -12.61 14.67
N VAL B 55 6.73 -13.73 14.81
CA VAL B 55 7.29 -14.43 13.65
C VAL B 55 6.79 -15.87 13.62
N VAL B 56 6.42 -16.35 12.45
CA VAL B 56 5.94 -17.74 12.34
C VAL B 56 6.80 -18.61 11.44
N VAL B 57 7.43 -19.62 12.02
CA VAL B 57 8.26 -20.50 11.23
C VAL B 57 7.46 -21.76 10.92
N GLY B 58 7.83 -22.44 9.86
CA GLY B 58 7.16 -23.66 9.48
C GLY B 58 5.75 -23.43 9.01
N GLU B 59 5.45 -22.20 8.59
CA GLU B 59 4.10 -21.87 8.15
C GLU B 59 3.85 -22.18 6.69
N HIS B 60 2.57 -22.30 6.34
CA HIS B 60 2.17 -22.55 4.97
C HIS B 60 0.80 -21.93 4.76
N ASN B 61 -0.18 -22.39 5.54
CA ASN B 61 -1.54 -21.85 5.44
C ASN B 61 -1.69 -20.90 6.63
N LEU B 62 -1.91 -19.63 6.33
CA LEU B 62 -2.06 -18.61 7.36
C LEU B 62 -3.36 -18.69 8.14
N ASN B 63 -4.30 -19.49 7.64
CA ASN B 63 -5.59 -19.60 8.31
C ASN B 63 -5.88 -20.94 8.96
N GLN B 64 -4.84 -21.76 9.13
CA GLN B 64 -5.01 -23.07 9.76
C GLN B 64 -3.70 -23.58 10.33
N ASN B 65 -3.75 -24.08 11.56
CA ASN B 65 -2.56 -24.63 12.22
C ASN B 65 -2.41 -26.10 11.84
N ASN B 66 -1.58 -26.35 10.86
CA ASN B 66 -1.34 -27.70 10.37
C ASN B 66 -0.42 -28.51 11.29
N GLY B 67 0.10 -27.86 12.33
CA GLY B 67 0.96 -28.54 13.28
C GLY B 67 2.45 -28.48 13.03
N THR B 68 2.86 -27.77 11.97
CA THR B 68 4.28 -27.64 11.65
C THR B 68 4.76 -26.25 11.99
N GLU B 69 3.83 -25.40 12.41
CA GLU B 69 4.18 -24.02 12.71
C GLU B 69 4.70 -23.81 14.13
N GLN B 70 5.49 -22.74 14.28
CA GLN B 70 6.03 -22.33 15.57
C GLN B 70 5.84 -20.82 15.64
N TYR B 71 5.25 -20.35 16.72
CA TYR B 71 4.99 -18.92 16.87
C TYR B 71 5.84 -18.28 17.95
N VAL B 72 6.76 -17.42 17.53
CA VAL B 72 7.64 -16.73 18.47
C VAL B 72 7.57 -15.23 18.23
N GLY B 73 7.79 -14.45 19.29
CA GLY B 73 7.74 -13.02 19.16
C GLY B 73 9.09 -12.43 18.82
N VAL B 74 9.08 -11.16 18.41
CA VAL B 74 10.30 -10.44 18.06
C VAL B 74 10.75 -9.67 19.29
N GLN B 75 11.90 -10.03 19.82
CA GLN B 75 12.43 -9.40 21.02
C GLN B 75 13.11 -8.08 20.75
N LYS B 76 13.85 -7.98 19.65
CA LYS B 76 14.59 -6.77 19.33
C LYS B 76 14.66 -6.53 17.83
N ILE B 77 14.48 -5.30 17.42
CA ILE B 77 14.54 -4.98 16.00
C ILE B 77 15.79 -4.17 15.67
N VAL B 78 16.52 -4.62 14.66
CA VAL B 78 17.73 -3.92 14.28
C VAL B 78 17.67 -3.53 12.81
N VAL B 79 17.30 -2.28 12.57
CA VAL B 79 17.20 -1.76 11.22
C VAL B 79 18.59 -1.30 10.79
N HIS B 80 18.92 -1.51 9.53
CA HIS B 80 20.23 -1.09 9.06
C HIS B 80 20.34 0.42 9.25
N PRO B 81 21.43 0.87 9.89
CA PRO B 81 21.73 2.28 10.18
C PRO B 81 21.54 3.29 9.04
N TYR B 82 21.87 2.91 7.81
CA TYR B 82 21.72 3.81 6.68
C TYR B 82 20.32 3.82 6.04
N TRP B 83 19.41 3.01 6.56
CA TRP B 83 18.06 2.95 6.03
C TRP B 83 17.34 4.27 6.17
N ASN B 84 16.70 4.69 5.09
CA ASN B 84 15.94 5.93 5.08
C ASN B 84 14.48 5.56 4.87
N THR B 85 13.68 5.65 5.94
CA THR B 85 12.27 5.29 5.88
C THR B 85 11.45 6.02 4.83
N ASP B 86 11.99 7.09 4.28
CA ASP B 86 11.29 7.85 3.26
C ASP B 86 11.86 7.68 1.86
N ASP B 87 12.92 6.90 1.74
CA ASP B 87 13.50 6.69 0.42
C ASP B 87 13.92 5.25 0.23
N VAL B 88 12.95 4.39 -0.06
CA VAL B 88 13.25 2.99 -0.26
C VAL B 88 14.28 2.80 -1.36
N ALA B 89 14.18 3.62 -2.41
CA ALA B 89 15.10 3.55 -3.54
C ALA B 89 16.51 3.90 -3.13
N ALA B 90 16.67 4.40 -1.91
CA ALA B 90 17.99 4.75 -1.45
C ALA B 90 18.76 3.49 -1.10
N GLY B 91 18.05 2.42 -0.77
CA GLY B 91 18.70 1.16 -0.44
C GLY B 91 18.78 0.92 1.06
N TYR B 92 19.64 -0.01 1.47
CA TYR B 92 19.81 -0.35 2.88
C TYR B 92 18.51 -0.84 3.49
N ASP B 93 17.63 -1.35 2.64
CA ASP B 93 16.34 -1.84 3.12
C ASP B 93 16.49 -3.26 3.65
N ILE B 94 16.99 -3.38 4.88
CA ILE B 94 17.19 -4.68 5.50
C ILE B 94 17.18 -4.51 7.00
N ALA B 95 16.72 -5.52 7.72
CA ALA B 95 16.69 -5.46 9.17
C ALA B 95 16.73 -6.85 9.75
N LEU B 96 17.34 -6.97 10.91
CA LEU B 96 17.45 -8.25 11.59
C LEU B 96 16.52 -8.22 12.78
N LEU B 97 15.98 -9.37 13.14
CA LEU B 97 15.06 -9.45 14.25
C LEU B 97 15.44 -10.60 15.18
N ARG B 98 15.94 -10.27 16.36
CA ARG B 98 16.28 -11.31 17.34
C ARG B 98 14.95 -11.77 17.93
N LEU B 99 14.77 -13.08 18.03
CA LEU B 99 13.53 -13.65 18.54
C LEU B 99 13.45 -13.76 20.07
N ALA B 100 12.23 -13.85 20.58
CA ALA B 100 12.02 -13.97 22.03
C ALA B 100 12.66 -15.26 22.52
N GLN B 101 12.29 -16.36 21.88
CA GLN B 101 12.82 -17.68 22.20
C GLN B 101 13.39 -18.19 20.88
N SER B 102 14.25 -19.20 20.94
CA SER B 102 14.82 -19.77 19.72
C SER B 102 13.90 -20.85 19.19
N VAL B 103 13.70 -20.86 17.88
CA VAL B 103 12.83 -21.85 17.29
C VAL B 103 13.52 -23.19 17.25
N THR B 104 12.73 -24.24 17.34
CA THR B 104 13.30 -25.58 17.29
C THR B 104 13.47 -25.91 15.80
N LEU B 105 14.69 -26.21 15.41
CA LEU B 105 14.97 -26.55 14.02
C LEU B 105 14.57 -27.98 13.69
N ASN B 106 13.92 -28.16 12.55
CA ASN B 106 13.51 -29.48 12.10
C ASN B 106 13.37 -29.46 10.57
N SER B 107 12.58 -30.36 10.02
CA SER B 107 12.44 -30.39 8.57
C SER B 107 11.55 -29.26 8.05
N TYR B 108 10.75 -28.66 8.94
CA TYR B 108 9.85 -27.57 8.56
C TYR B 108 10.47 -26.22 8.81
N VAL B 109 11.40 -26.19 9.75
CA VAL B 109 12.07 -24.96 10.13
C VAL B 109 13.57 -25.07 9.97
N GLN B 110 14.10 -24.47 8.90
CA GLN B 110 15.52 -24.51 8.60
C GLN B 110 16.06 -23.12 8.36
N LEU B 111 17.35 -22.93 8.59
CA LEU B 111 17.98 -21.65 8.38
C LEU B 111 18.21 -21.48 6.89
N GLY B 112 18.17 -20.24 6.42
CA GLY B 112 18.40 -20.02 5.01
C GLY B 112 19.88 -19.83 4.78
N VAL B 113 20.37 -20.31 3.64
CA VAL B 113 21.78 -20.18 3.31
C VAL B 113 22.00 -18.84 2.62
N LEU B 114 22.93 -18.05 3.12
CA LEU B 114 23.18 -16.75 2.50
C LEU B 114 24.36 -16.85 1.56
N PRO B 115 24.40 -16.01 0.52
CA PRO B 115 25.51 -16.05 -0.42
C PRO B 115 26.82 -15.58 0.20
N ARG B 116 27.92 -15.81 -0.50
CA ARG B 116 29.21 -15.39 -0.01
C ARG B 116 29.26 -13.88 -0.20
N ALA B 117 29.85 -13.18 0.75
CA ALA B 117 29.93 -11.72 0.67
C ALA B 117 30.38 -11.21 -0.70
N GLY B 118 29.57 -10.34 -1.28
CA GLY B 118 29.90 -9.75 -2.57
C GLY B 118 29.52 -10.53 -3.80
N THR B 119 28.92 -11.71 -3.63
CA THR B 119 28.55 -12.53 -4.77
C THR B 119 27.57 -11.77 -5.67
N ILE B 120 27.81 -11.81 -6.97
CA ILE B 120 26.93 -11.16 -7.92
C ILE B 120 26.47 -12.19 -8.94
N LEU B 121 25.17 -12.42 -9.00
CA LEU B 121 24.60 -13.40 -9.93
C LEU B 121 24.64 -12.97 -11.38
N ALA B 122 24.96 -13.92 -12.25
CA ALA B 122 25.00 -13.63 -13.68
C ALA B 122 23.58 -13.34 -14.14
N ASN B 123 23.44 -12.47 -15.14
CA ASN B 123 22.13 -12.12 -15.64
C ASN B 123 21.31 -13.36 -15.92
N ASN B 124 20.03 -13.26 -15.60
CA ASN B 124 19.09 -14.35 -15.81
C ASN B 124 19.40 -15.60 -15.01
N SER B 125 19.71 -15.44 -13.73
CA SER B 125 19.99 -16.60 -12.89
C SER B 125 18.64 -17.10 -12.41
N PRO B 126 18.49 -18.42 -12.28
CA PRO B 126 17.22 -18.99 -11.82
C PRO B 126 16.96 -18.73 -10.35
N CYS B 127 15.83 -18.11 -10.05
CA CYS B 127 15.46 -17.80 -8.67
C CYS B 127 13.95 -17.89 -8.52
N TYR B 128 13.50 -18.04 -7.28
CA TYR B 128 12.09 -18.10 -6.98
C TYR B 128 11.80 -17.18 -5.84
N ILE B 129 10.72 -16.43 -5.97
CA ILE B 129 10.32 -15.52 -4.91
C ILE B 129 9.19 -16.26 -4.23
N THR B 130 9.15 -16.19 -2.90
CA THR B 130 8.11 -16.86 -2.14
C THR B 130 7.43 -15.88 -1.18
N GLY B 131 6.14 -16.03 -0.96
CA GLY B 131 5.46 -15.13 -0.05
C GLY B 131 3.94 -15.28 -0.02
N TRP B 132 3.32 -14.57 0.92
CA TRP B 132 1.88 -14.60 1.09
C TRP B 132 1.25 -13.30 0.58
N GLY B 133 2.01 -12.53 -0.19
CA GLY B 133 1.50 -11.29 -0.72
C GLY B 133 0.36 -11.51 -1.71
N LEU B 134 -0.12 -10.42 -2.30
CA LEU B 134 -1.20 -10.48 -3.29
C LEU B 134 -0.83 -11.41 -4.44
N THR B 135 -1.81 -12.12 -4.97
CA THR B 135 -1.55 -13.02 -6.08
C THR B 135 -1.97 -12.41 -7.41
N ARG B 136 -2.86 -11.43 -7.35
CA ARG B 136 -3.29 -10.74 -8.56
C ARG B 136 -3.05 -9.28 -8.22
N THR B 137 -2.23 -8.61 -9.01
CA THR B 137 -1.95 -7.20 -8.77
C THR B 137 -3.28 -6.49 -8.54
N ASN B 138 -3.40 -5.89 -7.35
CA ASN B 138 -4.62 -5.18 -6.93
C ASN B 138 -5.71 -6.18 -6.54
N GLY B 139 -5.30 -7.30 -5.94
CA GLY B 139 -6.24 -8.33 -5.53
C GLY B 139 -6.21 -8.61 -4.04
N GLN B 140 -6.17 -9.89 -3.68
CA GLN B 140 -6.17 -10.31 -2.28
C GLN B 140 -4.90 -11.03 -1.82
N LEU B 141 -4.66 -11.01 -0.51
CA LEU B 141 -3.52 -11.67 0.08
C LEU B 141 -3.67 -13.17 -0.01
N ALA B 142 -2.54 -13.86 -0.13
CA ALA B 142 -2.53 -15.30 -0.26
C ALA B 142 -2.70 -16.03 1.08
N GLN B 143 -3.55 -17.07 1.08
CA GLN B 143 -3.76 -17.86 2.29
C GLN B 143 -2.60 -18.84 2.44
N THR B 144 -2.22 -19.44 1.32
CA THR B 144 -1.14 -20.42 1.28
C THR B 144 0.10 -19.81 0.65
N LEU B 145 1.27 -20.23 1.11
CA LEU B 145 2.53 -19.71 0.60
C LEU B 145 2.64 -19.89 -0.89
N GLN B 146 2.97 -18.81 -1.59
CA GLN B 146 3.11 -18.82 -3.05
C GLN B 146 4.57 -18.76 -3.49
N GLN B 147 4.82 -19.15 -4.74
CA GLN B 147 6.16 -19.12 -5.30
C GLN B 147 6.09 -18.83 -6.79
N ALA B 148 7.14 -18.25 -7.34
CA ALA B 148 7.16 -17.96 -8.75
C ALA B 148 8.58 -17.82 -9.27
N TYR B 149 8.81 -18.36 -10.46
CA TYR B 149 10.11 -18.30 -11.11
C TYR B 149 10.38 -16.83 -11.40
N LEU B 150 11.49 -16.33 -10.85
CA LEU B 150 11.84 -14.93 -11.02
C LEU B 150 13.32 -14.77 -11.30
N PRO B 151 13.75 -15.10 -12.52
CA PRO B 151 15.17 -14.98 -12.88
C PRO B 151 15.70 -13.57 -12.68
N THR B 152 16.99 -13.45 -12.43
CA THR B 152 17.60 -12.16 -12.20
C THR B 152 17.81 -11.30 -13.44
N VAL B 153 17.83 -9.99 -13.23
CA VAL B 153 18.06 -9.04 -14.31
C VAL B 153 19.26 -8.25 -13.80
N ASP B 154 20.43 -8.53 -14.36
CA ASP B 154 21.66 -7.89 -13.91
C ASP B 154 21.58 -6.37 -13.84
N TYR B 155 22.53 -5.77 -13.13
CA TYR B 155 22.57 -4.32 -12.97
C TYR B 155 22.57 -3.59 -14.30
N ALA B 156 23.48 -3.99 -15.19
CA ALA B 156 23.57 -3.37 -16.51
C ALA B 156 22.19 -3.12 -17.11
N ILE B 157 21.37 -4.15 -17.11
CA ILE B 157 20.04 -4.04 -17.66
C ILE B 157 19.08 -3.31 -16.74
N CYS B 158 19.00 -3.77 -15.49
CA CYS B 158 18.08 -3.16 -14.54
C CYS B 158 18.21 -1.64 -14.39
N SER B 159 19.44 -1.14 -14.44
CA SER B 159 19.67 0.28 -14.29
C SER B 159 19.52 1.04 -15.60
N SER B 160 19.18 0.33 -16.67
CA SER B 160 19.00 0.98 -17.96
C SER B 160 17.72 1.82 -17.94
N SER B 161 17.68 2.86 -18.77
CA SER B 161 16.53 3.77 -18.82
C SER B 161 15.19 3.08 -18.98
N SER B 162 15.14 2.05 -19.83
CA SER B 162 13.90 1.33 -20.06
C SER B 162 13.43 0.54 -18.85
N TYR B 163 14.33 0.26 -17.92
CA TYR B 163 13.96 -0.50 -16.74
C TYR B 163 13.77 0.37 -15.49
N TRP B 164 14.71 0.29 -14.56
CA TRP B 164 14.61 1.08 -13.34
C TRP B 164 15.52 2.30 -13.34
N GLY B 165 16.40 2.38 -14.32
CA GLY B 165 17.30 3.53 -14.38
C GLY B 165 18.03 3.74 -13.07
N SER B 166 18.11 4.99 -12.64
CA SER B 166 18.82 5.35 -11.41
C SER B 166 18.11 4.92 -10.13
N THR B 167 16.88 4.44 -10.24
CA THR B 167 16.15 4.01 -9.05
C THR B 167 16.89 2.86 -8.36
N VAL B 168 17.41 1.93 -9.15
CA VAL B 168 18.14 0.78 -8.58
C VAL B 168 19.61 1.08 -8.34
N LYS B 169 20.10 0.63 -7.19
CA LYS B 169 21.49 0.81 -6.80
C LYS B 169 22.22 -0.52 -6.94
N ASN B 170 23.54 -0.48 -6.91
CA ASN B 170 24.32 -1.70 -7.03
C ASN B 170 24.05 -2.68 -5.89
N SER B 171 23.60 -2.15 -4.75
CA SER B 171 23.32 -2.97 -3.58
C SER B 171 21.98 -3.68 -3.67
N MET B 172 21.39 -3.70 -4.86
CA MET B 172 20.10 -4.36 -5.00
C MET B 172 20.14 -5.47 -6.04
N VAL B 173 19.04 -6.23 -6.07
CA VAL B 173 18.88 -7.31 -7.02
C VAL B 173 17.54 -7.17 -7.70
N CYS B 174 17.53 -7.41 -9.01
CA CYS B 174 16.31 -7.33 -9.78
C CYS B 174 15.99 -8.73 -10.28
N ALA B 175 14.71 -9.09 -10.28
CA ALA B 175 14.33 -10.39 -10.77
C ALA B 175 12.98 -10.22 -11.45
N GLY B 176 12.74 -11.04 -12.47
CA GLY B 176 11.48 -11.00 -13.19
C GLY B 176 11.34 -9.82 -14.13
N GLY B 177 10.20 -9.15 -14.04
CA GLY B 177 9.97 -8.00 -14.90
C GLY B 177 9.42 -8.41 -16.25
N ASP B 178 8.91 -9.63 -16.34
CA ASP B 178 8.37 -10.12 -17.60
C ASP B 178 6.88 -9.80 -17.74
N GLY B 179 6.34 -9.01 -16.81
CA GLY B 179 4.93 -8.67 -16.89
C GLY B 179 3.96 -9.69 -16.31
N VAL B 180 4.37 -10.96 -16.26
CA VAL B 180 3.49 -12.01 -15.72
C VAL B 180 3.75 -12.33 -14.25
N ARG B 181 5.02 -12.46 -13.87
CA ARG B 181 5.38 -12.80 -12.50
C ARG B 181 6.19 -11.75 -11.76
N SER B 182 5.89 -11.62 -10.46
CA SER B 182 6.60 -10.68 -9.61
C SER B 182 6.09 -10.80 -8.18
N GLY B 183 6.74 -10.09 -7.26
CA GLY B 183 6.29 -10.11 -5.89
C GLY B 183 5.18 -9.07 -5.83
N CYS B 184 4.51 -8.95 -4.69
CA CYS B 184 3.43 -7.97 -4.59
C CYS B 184 3.24 -7.64 -3.12
N GLN B 185 2.41 -6.65 -2.83
CA GLN B 185 2.17 -6.24 -1.45
C GLN B 185 1.99 -7.45 -0.53
N GLY B 186 2.85 -7.55 0.46
CA GLY B 186 2.78 -8.66 1.39
C GLY B 186 4.00 -9.55 1.28
N ASP B 187 4.77 -9.41 0.21
CA ASP B 187 5.96 -10.22 0.03
C ASP B 187 7.23 -9.56 0.58
N SER B 188 7.16 -8.28 0.94
CA SER B 188 8.33 -7.57 1.46
C SER B 188 9.04 -8.31 2.58
N GLY B 189 10.37 -8.18 2.62
CA GLY B 189 11.17 -8.80 3.65
C GLY B 189 11.43 -10.26 3.34
N GLY B 190 10.59 -10.82 2.48
CA GLY B 190 10.74 -12.22 2.09
C GLY B 190 12.03 -12.46 1.33
N PRO B 191 12.31 -13.73 1.02
CA PRO B 191 13.52 -14.09 0.30
C PRO B 191 13.38 -14.22 -1.21
N LEU B 192 14.53 -14.25 -1.86
CA LEU B 192 14.61 -14.47 -3.29
C LEU B 192 15.61 -15.62 -3.31
N HIS B 193 15.11 -16.83 -3.58
CA HIS B 193 15.94 -18.03 -3.59
C HIS B 193 16.56 -18.23 -4.97
N CYS B 194 17.87 -18.24 -5.03
CA CYS B 194 18.53 -18.45 -6.30
C CYS B 194 19.38 -19.71 -6.30
N LEU B 195 19.31 -20.44 -7.40
CA LEU B 195 20.05 -21.68 -7.55
C LEU B 195 21.38 -21.40 -8.23
N VAL B 196 22.47 -21.72 -7.54
CA VAL B 196 23.81 -21.51 -8.09
C VAL B 196 24.62 -22.76 -7.85
N ASN B 197 24.84 -23.53 -8.93
CA ASN B 197 25.59 -24.77 -8.88
C ASN B 197 24.96 -25.79 -7.93
N GLY B 198 23.64 -25.95 -8.06
CA GLY B 198 22.91 -26.89 -7.22
C GLY B 198 22.53 -26.38 -5.83
N GLN B 199 23.17 -25.31 -5.39
CA GLN B 199 22.87 -24.79 -4.08
C GLN B 199 21.97 -23.58 -4.15
N TYR B 200 20.94 -23.57 -3.31
CA TYR B 200 20.01 -22.46 -3.23
C TYR B 200 20.49 -21.54 -2.13
N ALA B 201 20.26 -20.24 -2.30
CA ALA B 201 20.68 -19.30 -1.28
C ALA B 201 19.84 -18.05 -1.41
N VAL B 202 19.52 -17.46 -0.27
CA VAL B 202 18.71 -16.26 -0.28
C VAL B 202 19.59 -15.09 -0.73
N HIS B 203 19.44 -14.70 -1.99
CA HIS B 203 20.24 -13.60 -2.52
C HIS B 203 19.61 -12.23 -2.34
N GLY B 204 18.30 -12.19 -2.16
CA GLY B 204 17.64 -10.92 -1.99
C GLY B 204 16.51 -10.86 -0.98
N VAL B 205 16.24 -9.64 -0.52
CA VAL B 205 15.17 -9.42 0.42
C VAL B 205 14.20 -8.53 -0.35
N THR B 206 12.97 -9.00 -0.51
CA THR B 206 11.97 -8.25 -1.27
C THR B 206 11.76 -6.81 -0.78
N SER B 207 12.05 -5.85 -1.65
CA SER B 207 11.94 -4.46 -1.28
C SER B 207 10.80 -3.67 -1.93
N PHE B 208 10.81 -3.54 -3.25
CA PHE B 208 9.77 -2.76 -3.90
C PHE B 208 9.45 -3.09 -5.36
N VAL B 209 8.42 -2.42 -5.87
CA VAL B 209 7.95 -2.55 -7.25
C VAL B 209 7.56 -1.16 -7.71
N SER B 210 7.12 -1.02 -8.95
CA SER B 210 6.74 0.28 -9.47
C SER B 210 5.35 0.71 -9.01
N ARG B 211 5.14 2.02 -8.95
CA ARG B 211 3.86 2.59 -8.54
C ARG B 211 2.79 2.07 -9.50
N LEU B 212 3.20 1.72 -10.71
CA LEU B 212 2.28 1.22 -11.74
C LEU B 212 1.70 -0.17 -11.45
N GLY B 213 2.30 -0.90 -10.51
CA GLY B 213 1.78 -2.21 -10.23
C GLY B 213 2.86 -3.23 -9.97
N CYS B 214 2.45 -4.44 -9.60
CA CYS B 214 3.39 -5.50 -9.31
C CYS B 214 4.02 -6.04 -10.59
N ASN B 215 3.30 -6.87 -11.32
CA ASN B 215 3.83 -7.43 -12.55
C ASN B 215 3.79 -6.41 -13.68
N VAL B 216 4.80 -5.57 -13.74
CA VAL B 216 4.89 -4.57 -14.78
C VAL B 216 6.13 -4.82 -15.62
N THR B 217 5.92 -4.99 -16.91
CA THR B 217 7.02 -5.24 -17.81
C THR B 217 8.15 -4.24 -17.68
N ARG B 218 9.37 -4.77 -17.59
CA ARG B 218 10.60 -3.99 -17.46
C ARG B 218 10.65 -3.16 -16.19
N LYS B 219 10.02 -3.69 -15.15
CA LYS B 219 10.01 -3.09 -13.83
C LYS B 219 10.03 -4.28 -12.89
N PRO B 220 11.07 -5.11 -13.01
CA PRO B 220 11.23 -6.31 -12.18
C PRO B 220 11.16 -6.01 -10.69
N THR B 221 10.74 -6.99 -9.92
CA THR B 221 10.68 -6.85 -8.47
C THR B 221 12.11 -6.56 -8.03
N VAL B 222 12.27 -5.67 -7.06
CA VAL B 222 13.61 -5.33 -6.60
C VAL B 222 13.82 -5.78 -5.15
N PHE B 223 14.97 -6.42 -4.94
CA PHE B 223 15.34 -6.94 -3.62
C PHE B 223 16.64 -6.32 -3.16
N THR B 224 16.84 -6.32 -1.84
CA THR B 224 18.08 -5.81 -1.28
C THR B 224 19.06 -6.93 -1.59
N ARG B 225 20.28 -6.58 -1.98
CA ARG B 225 21.27 -7.61 -2.28
C ARG B 225 21.88 -8.15 -1.00
N VAL B 226 21.50 -9.36 -0.62
CA VAL B 226 22.00 -9.98 0.60
C VAL B 226 23.53 -10.02 0.64
N SER B 227 24.15 -10.48 -0.44
CA SER B 227 25.60 -10.58 -0.50
C SER B 227 26.31 -9.26 -0.21
N ALA B 228 25.56 -8.17 -0.20
CA ALA B 228 26.14 -6.87 0.06
C ALA B 228 26.09 -6.47 1.53
N TYR B 229 25.46 -7.28 2.37
CA TYR B 229 25.34 -6.95 3.79
C TYR B 229 25.84 -8.02 4.75
N ILE B 230 26.52 -9.03 4.22
CA ILE B 230 27.03 -10.12 5.05
C ILE B 230 27.80 -9.63 6.28
N SER B 231 28.75 -8.73 6.06
CA SER B 231 29.52 -8.19 7.16
C SER B 231 28.60 -7.56 8.20
N TRP B 232 27.70 -6.69 7.77
CA TRP B 232 26.78 -6.06 8.71
C TRP B 232 25.99 -7.13 9.46
N ILE B 233 25.43 -8.09 8.72
CA ILE B 233 24.65 -9.14 9.35
C ILE B 233 25.43 -9.87 10.43
N ASN B 234 26.63 -10.32 10.11
CA ASN B 234 27.42 -11.03 11.11
C ASN B 234 27.71 -10.18 12.33
N ASN B 235 28.03 -8.90 12.10
CA ASN B 235 28.32 -8.01 13.20
C ASN B 235 27.12 -7.86 14.12
N VAL B 236 25.93 -7.74 13.55
CA VAL B 236 24.71 -7.58 14.34
C VAL B 236 24.39 -8.78 15.20
N ILE B 237 24.65 -9.97 14.66
CA ILE B 237 24.38 -11.20 15.40
C ILE B 237 25.43 -11.41 16.49
N ALA B 238 26.68 -11.11 16.17
CA ALA B 238 27.76 -11.29 17.12
C ALA B 238 27.64 -10.38 18.34
N SER B 239 27.34 -9.10 18.13
CA SER B 239 27.24 -8.16 19.22
C SER B 239 25.83 -7.99 19.80
N ASN B 240 25.00 -9.03 19.65
CA ASN B 240 23.64 -8.99 20.18
C ASN B 240 23.19 -10.40 20.56
N ALA C 2 3.31 8.06 7.28
CA ALA C 2 2.05 8.09 6.52
C ALA C 2 2.15 7.22 5.27
N THR C 3 1.01 6.69 4.92
CA THR C 3 0.84 5.85 3.74
C THR C 3 -0.52 6.20 3.14
N THR C 4 -0.51 6.48 1.83
CA THR C 4 -1.73 6.86 1.07
C THR C 4 -2.74 5.71 1.03
N LEU C 5 -4.03 6.08 0.90
CA LEU C 5 -5.13 5.10 0.89
C LEU C 5 -5.58 4.76 -0.55
N VAL C 8 -0.64 3.20 -2.72
CA VAL C 8 0.14 4.37 -2.29
C VAL C 8 -0.80 5.35 -1.58
N ALA D 2 8.73 4.10 -7.07
CA ALA D 2 8.74 2.84 -6.34
C ALA D 2 7.79 2.86 -5.15
N THR D 3 7.27 1.67 -4.86
CA THR D 3 6.36 1.44 -3.76
C THR D 3 6.75 0.07 -3.16
N THR D 4 6.93 0.07 -1.84
CA THR D 4 7.31 -1.15 -1.08
C THR D 4 6.21 -2.22 -1.16
N LEU D 5 6.63 -3.48 -1.02
CA LEU D 5 5.69 -4.64 -1.10
C LEU D 5 5.27 -5.13 0.29
N VAL D 8 3.34 -0.34 2.46
CA VAL D 8 4.50 0.51 2.13
C VAL D 8 5.57 -0.37 1.49
#